data_4FDF
#
_entry.id   4FDF
#
_cell.length_a   91.900
_cell.length_b   91.900
_cell.length_c   91.900
_cell.angle_alpha   90.00
_cell.angle_beta   90.00
_cell.angle_gamma   90.00
#
_symmetry.space_group_name_H-M   'P 21 3'
#
loop_
_entity.id
_entity.type
_entity.pdbx_description
1 polymer 'Molybdenum cofactor biosynthesis protein C 2'
2 water water
#
_entity_poly.entity_id   1
_entity_poly.type   'polypeptide(L)'
_entity_poly.pdbx_seq_one_letter_code
;MARASGASDYRSGELSHQDERGAAHMVDITEKATTKRTAVAAGILRTSAQVVALISTGGLPKGDALATARVAGIMAAKRT
SDLIPLCHQLALTGVDVDFTVGQLDIEITATVRSTDRTGVEMEALTAVSVAALTLYDMIKAVDPGALIDDIRVLHKEGGR
RGTWTRRLEHHHHHH
;
_entity_poly.pdbx_strand_id   A,B
#
# COMPACT_ATOMS: atom_id res chain seq x y z
N GLY A 22 15.66 -19.79 5.96
CA GLY A 22 15.14 -19.01 4.79
C GLY A 22 15.17 -17.50 5.09
N ALA A 23 16.10 -16.78 4.46
CA ALA A 23 16.33 -15.37 4.76
C ALA A 23 16.36 -14.41 3.57
N ALA A 24 17.38 -13.55 3.54
CA ALA A 24 17.41 -12.38 2.64
C ALA A 24 18.80 -11.76 2.51
N HIS A 25 18.92 -10.79 1.60
CA HIS A 25 20.11 -9.96 1.42
C HIS A 25 19.85 -8.92 0.35
N MET A 26 20.25 -7.68 0.60
CA MET A 26 20.08 -6.64 -0.40
C MET A 26 21.24 -6.61 -1.41
N VAL A 27 21.04 -5.90 -2.52
CA VAL A 27 22.08 -5.69 -3.53
C VAL A 27 23.11 -4.66 -3.11
N ASP A 28 24.16 -4.51 -3.91
CA ASP A 28 25.33 -3.67 -3.57
C ASP A 28 25.43 -2.37 -4.38
N ILE A 29 26.54 -1.64 -4.19
CA ILE A 29 26.97 -0.54 -5.08
C ILE A 29 28.33 0.01 -4.67
N THR A 35 23.70 7.83 -11.87
CA THR A 35 23.37 9.16 -12.38
C THR A 35 21.91 9.53 -12.19
N LYS A 36 21.44 10.49 -12.98
CA LYS A 36 20.06 10.99 -12.89
C LYS A 36 19.04 9.92 -13.27
N ARG A 37 17.99 9.79 -12.45
CA ARG A 37 16.97 8.75 -12.64
C ARG A 37 15.53 9.24 -12.43
N THR A 38 14.59 8.53 -13.05
CA THR A 38 13.18 8.86 -12.94
C THR A 38 12.36 7.57 -12.94
N ALA A 39 11.30 7.54 -12.13
CA ALA A 39 10.38 6.43 -12.18
C ALA A 39 8.95 6.95 -12.03
N VAL A 40 8.04 6.33 -12.77
CA VAL A 40 6.63 6.70 -12.73
C VAL A 40 5.84 5.45 -12.40
N ALA A 41 4.98 5.53 -11.38
CA ALA A 41 4.04 4.46 -11.09
C ALA A 41 2.62 5.01 -11.04
N ALA A 42 1.63 4.14 -11.19
CA ALA A 42 0.23 4.54 -11.08
C ALA A 42 -0.58 3.49 -10.32
N GLY A 43 -1.85 3.79 -10.08
CA GLY A 43 -2.74 2.89 -9.39
C GLY A 43 -4.10 3.57 -9.32
N ILE A 44 -5.13 2.80 -9.01
CA ILE A 44 -6.50 3.29 -9.13
C ILE A 44 -7.30 2.98 -7.88
N LEU A 45 -7.95 4.01 -7.34
CA LEU A 45 -9.01 3.82 -6.35
C LEU A 45 -10.35 3.68 -7.09
N ARG A 46 -11.07 2.57 -6.87
CA ARG A 46 -12.39 2.34 -7.48
C ARG A 46 -13.48 2.48 -6.42
N THR A 47 -14.40 3.39 -6.66
CA THR A 47 -15.40 3.71 -5.66
C THR A 47 -16.70 4.13 -6.36
N SER A 48 -17.63 4.72 -5.62
CA SER A 48 -18.91 5.12 -6.17
C SER A 48 -18.79 6.50 -6.81
N ALA A 49 -19.70 6.78 -7.73
CA ALA A 49 -19.81 8.12 -8.35
C ALA A 49 -20.02 9.22 -7.29
N GLN A 50 -20.85 8.93 -6.28
CA GLN A 50 -21.03 9.83 -5.12
C GLN A 50 -19.71 10.17 -4.43
N VAL A 51 -18.87 9.15 -4.25
CA VAL A 51 -17.64 9.34 -3.49
C VAL A 51 -16.64 10.13 -4.30
N VAL A 52 -16.44 9.74 -5.55
CA VAL A 52 -15.57 10.48 -6.46
C VAL A 52 -15.93 11.97 -6.49
N ALA A 53 -17.23 12.28 -6.50
CA ALA A 53 -17.71 13.66 -6.55
C ALA A 53 -17.45 14.44 -5.26
N LEU A 54 -17.58 13.77 -4.12
CA LEU A 54 -17.29 14.38 -2.84
C LEU A 54 -15.79 14.69 -2.72
N ILE A 55 -14.95 13.76 -3.18
CA ILE A 55 -13.51 13.99 -3.21
C ILE A 55 -13.14 15.22 -4.05
N SER A 56 -13.77 15.36 -5.22
CA SER A 56 -13.51 16.50 -6.12
C SER A 56 -13.98 17.83 -5.56
N THR A 57 -15.24 17.88 -5.14
CA THR A 57 -15.84 19.12 -4.62
C THR A 57 -15.51 19.37 -3.15
N GLY A 58 -14.90 18.39 -2.49
CA GLY A 58 -14.50 18.53 -1.09
C GLY A 58 -15.67 18.57 -0.12
N GLY A 59 -16.64 17.68 -0.32
CA GLY A 59 -17.79 17.57 0.56
C GLY A 59 -17.61 16.61 1.72
N LEU A 60 -16.43 15.99 1.82
CA LEU A 60 -16.17 15.03 2.91
C LEU A 60 -15.99 15.71 4.28
N PRO A 61 -16.61 15.14 5.33
CA PRO A 61 -16.45 15.59 6.72
C PRO A 61 -15.01 15.58 7.23
N LYS A 62 -14.20 14.63 6.75
CA LYS A 62 -12.81 14.52 7.19
C LYS A 62 -11.90 15.53 6.49
N GLY A 63 -12.42 16.16 5.43
CA GLY A 63 -11.70 17.23 4.75
C GLY A 63 -11.30 16.93 3.32
N ASP A 64 -10.29 17.64 2.86
CA ASP A 64 -9.77 17.53 1.50
C ASP A 64 -8.93 16.26 1.34
N ALA A 65 -9.48 15.33 0.56
CA ALA A 65 -8.91 14.02 0.37
C ALA A 65 -7.68 14.08 -0.53
N LEU A 66 -7.77 14.87 -1.60
CA LEU A 66 -6.69 14.96 -2.58
C LEU A 66 -5.44 15.57 -1.98
N ALA A 67 -5.61 16.64 -1.21
CA ALA A 67 -4.48 17.31 -0.59
C ALA A 67 -3.84 16.40 0.45
N THR A 68 -4.68 15.75 1.25
CA THR A 68 -4.21 14.86 2.31
C THR A 68 -3.46 13.63 1.74
N ALA A 69 -4.05 13.02 0.71
CA ALA A 69 -3.44 11.90 0.00
C ALA A 69 -2.14 12.28 -0.70
N ARG A 70 -2.10 13.48 -1.28
CA ARG A 70 -0.89 13.93 -2.01
C ARG A 70 0.26 14.03 -1.04
N VAL A 71 -0.02 14.64 0.11
CA VAL A 71 0.99 14.85 1.13
C VAL A 71 1.45 13.50 1.71
N ALA A 72 0.50 12.61 2.01
CA ALA A 72 0.82 11.27 2.54
C ALA A 72 1.72 10.48 1.60
N GLY A 73 1.37 10.48 0.32
CA GLY A 73 2.16 9.82 -0.71
C GLY A 73 3.55 10.40 -0.89
N ILE A 74 3.64 11.72 -0.91
CA ILE A 74 4.96 12.39 -1.01
C ILE A 74 5.87 11.97 0.15
N MET A 75 5.34 12.00 1.37
CA MET A 75 6.07 11.56 2.54
C MET A 75 6.39 10.07 2.51
N ALA A 76 5.47 9.26 1.99
CA ALA A 76 5.68 7.81 1.91
C ALA A 76 6.83 7.45 0.96
N ALA A 77 6.97 8.23 -0.11
CA ALA A 77 8.10 8.05 -1.03
C ALA A 77 9.42 8.11 -0.27
N LYS A 78 9.55 9.11 0.59
CA LYS A 78 10.79 9.32 1.37
C LYS A 78 11.04 8.23 2.40
N ARG A 79 9.97 7.54 2.80
CA ARG A 79 10.02 6.52 3.84
C ARG A 79 10.18 5.10 3.30
N THR A 80 10.34 4.98 1.99
CA THR A 80 10.33 3.65 1.33
C THR A 80 11.27 2.66 2.01
N SER A 81 12.48 3.12 2.33
CA SER A 81 13.48 2.26 2.92
C SER A 81 13.14 1.89 4.35
N ASP A 82 12.33 2.73 5.01
CA ASP A 82 11.75 2.43 6.33
C ASP A 82 10.77 1.25 6.31
N LEU A 83 10.11 1.07 5.17
CA LEU A 83 8.97 0.16 5.03
C LEU A 83 9.33 -1.16 4.38
N ILE A 84 10.10 -1.07 3.30
CA ILE A 84 10.42 -2.21 2.50
C ILE A 84 11.83 -2.65 2.86
N PRO A 85 11.94 -3.78 3.57
CA PRO A 85 13.15 -4.23 4.30
C PRO A 85 14.43 -4.18 3.47
N LEU A 86 14.37 -4.63 2.21
CA LEU A 86 15.57 -4.75 1.39
C LEU A 86 15.85 -3.57 0.45
N CYS A 87 15.08 -2.50 0.59
CA CYS A 87 15.32 -1.28 -0.17
C CYS A 87 16.41 -0.43 0.48
N HIS A 88 17.13 0.31 -0.35
CA HIS A 88 18.21 1.17 0.10
C HIS A 88 17.68 2.53 0.41
N GLN A 89 18.37 3.24 1.30
CA GLN A 89 18.03 4.63 1.57
C GLN A 89 18.54 5.49 0.42
N LEU A 90 17.62 6.07 -0.34
CA LEU A 90 18.01 6.93 -1.46
C LEU A 90 17.55 8.38 -1.26
N ALA A 91 18.40 9.31 -1.68
CA ALA A 91 18.08 10.72 -1.60
C ALA A 91 17.31 11.13 -2.85
N LEU A 92 16.01 11.30 -2.67
CA LEU A 92 15.13 11.65 -3.77
C LEU A 92 15.29 13.13 -4.06
N THR A 93 15.18 13.49 -5.33
CA THR A 93 15.43 14.86 -5.71
C THR A 93 14.15 15.63 -6.02
N GLY A 94 13.06 14.88 -6.25
CA GLY A 94 11.76 15.46 -6.49
C GLY A 94 10.71 14.37 -6.50
N VAL A 95 9.50 14.70 -6.05
CA VAL A 95 8.40 13.74 -5.97
C VAL A 95 7.09 14.46 -6.28
N ASP A 96 6.40 13.97 -7.31
CA ASP A 96 5.11 14.51 -7.69
C ASP A 96 4.03 13.44 -7.55
N VAL A 97 2.90 13.83 -6.95
CA VAL A 97 1.71 12.97 -6.90
C VAL A 97 0.59 13.67 -7.67
N ASP A 98 0.08 13.00 -8.71
CA ASP A 98 -0.97 13.58 -9.55
C ASP A 98 -2.21 12.69 -9.58
N PHE A 99 -3.37 13.32 -9.73
CA PHE A 99 -4.64 12.62 -9.78
C PHE A 99 -5.41 12.91 -11.04
N THR A 100 -5.92 11.85 -11.66
CA THR A 100 -6.88 11.95 -12.76
C THR A 100 -8.20 11.36 -12.30
N VAL A 101 -9.20 12.23 -12.18
CA VAL A 101 -10.51 11.90 -11.65
C VAL A 101 -11.46 11.48 -12.79
N GLY A 102 -12.10 10.33 -12.64
CA GLY A 102 -13.10 9.86 -13.60
C GLY A 102 -14.46 9.79 -12.93
N GLN A 103 -15.41 9.14 -13.59
CA GLN A 103 -16.73 8.96 -13.01
C GLN A 103 -16.78 8.07 -11.77
N LEU A 104 -16.06 6.96 -11.80
CA LEU A 104 -16.18 5.93 -10.78
C LEU A 104 -14.87 5.67 -10.05
N ASP A 105 -13.79 6.26 -10.54
CA ASP A 105 -12.45 5.98 -10.03
C ASP A 105 -11.50 7.17 -10.08
N ILE A 106 -10.38 7.03 -9.39
CA ILE A 106 -9.33 8.04 -9.38
C ILE A 106 -8.03 7.33 -9.66
N GLU A 107 -7.35 7.78 -10.72
CA GLU A 107 -6.05 7.26 -11.04
C GLU A 107 -5.00 8.13 -10.38
N ILE A 108 -4.09 7.47 -9.66
CA ILE A 108 -3.01 8.17 -8.97
C ILE A 108 -1.73 7.87 -9.70
N THR A 109 -1.02 8.93 -10.07
CA THR A 109 0.24 8.82 -10.78
C THR A 109 1.32 9.46 -9.92
N ALA A 110 2.38 8.70 -9.66
CA ALA A 110 3.49 9.23 -8.89
C ALA A 110 4.79 9.23 -9.70
N THR A 111 5.41 10.39 -9.76
CA THR A 111 6.67 10.55 -10.48
C THR A 111 7.76 10.89 -9.48
N VAL A 112 8.81 10.07 -9.46
CA VAL A 112 9.90 10.22 -8.51
C VAL A 112 11.22 10.42 -9.25
N ARG A 113 12.02 11.40 -8.81
CA ARG A 113 13.34 11.62 -9.38
C ARG A 113 14.44 11.51 -8.33
N SER A 114 15.63 11.12 -8.78
CA SER A 114 16.78 10.89 -7.89
C SER A 114 18.12 10.91 -8.64
N THR A 115 19.20 11.07 -7.88
CA THR A 115 20.54 10.77 -8.37
C THR A 115 21.18 9.81 -7.38
N ASP A 116 21.25 8.54 -7.77
CA ASP A 116 21.78 7.48 -6.90
C ASP A 116 22.27 6.31 -7.72
N ARG A 117 22.80 5.29 -7.04
CA ARG A 117 23.38 4.12 -7.71
C ARG A 117 22.33 3.08 -8.15
N THR A 118 21.05 3.32 -7.84
CA THR A 118 19.99 2.36 -8.18
C THR A 118 18.66 3.05 -8.52
N GLY A 119 17.73 2.32 -9.15
CA GLY A 119 16.44 2.89 -9.62
C GLY A 119 15.48 3.29 -8.51
N VAL A 120 14.46 4.09 -8.86
CA VAL A 120 13.51 4.63 -7.86
C VAL A 120 12.04 4.21 -8.01
N GLU A 121 11.81 3.07 -8.64
CA GLU A 121 10.44 2.60 -8.83
C GLU A 121 9.73 2.21 -7.52
N MET A 122 10.49 1.67 -6.56
CA MET A 122 9.90 1.31 -5.28
C MET A 122 9.33 2.55 -4.60
N GLU A 123 10.06 3.65 -4.63
CA GLU A 123 9.58 4.90 -4.05
C GLU A 123 8.28 5.38 -4.72
N ALA A 124 8.22 5.27 -6.05
CA ALA A 124 7.01 5.61 -6.81
C ALA A 124 5.81 4.72 -6.45
N LEU A 125 6.04 3.41 -6.41
CA LEU A 125 5.00 2.48 -6.03
C LEU A 125 4.45 2.74 -4.63
N THR A 126 5.32 3.06 -3.66
CA THR A 126 4.87 3.27 -2.29
C THR A 126 4.12 4.57 -2.15
N ALA A 127 4.56 5.59 -2.90
CA ALA A 127 3.81 6.82 -2.99
C ALA A 127 2.38 6.53 -3.49
N VAL A 128 2.26 5.81 -4.59
CA VAL A 128 0.96 5.42 -5.13
C VAL A 128 0.12 4.70 -4.06
N SER A 129 0.72 3.68 -3.43
CA SER A 129 0.01 2.85 -2.46
C SER A 129 -0.54 3.62 -1.26
N VAL A 130 0.26 4.55 -0.74
CA VAL A 130 -0.09 5.29 0.47
C VAL A 130 -1.06 6.44 0.20
N ALA A 131 -0.92 7.08 -0.96
CA ALA A 131 -1.96 8.00 -1.43
C ALA A 131 -3.30 7.26 -1.51
N ALA A 132 -3.29 6.03 -2.04
CA ALA A 132 -4.53 5.27 -2.25
C ALA A 132 -5.13 4.84 -0.93
N LEU A 133 -4.25 4.44 0.00
CA LEU A 133 -4.70 4.07 1.32
C LEU A 133 -5.32 5.26 2.03
N THR A 134 -4.71 6.43 1.84
CA THR A 134 -5.21 7.66 2.42
C THR A 134 -6.56 8.06 1.83
N LEU A 135 -6.65 8.11 0.51
CA LEU A 135 -7.96 8.30 -0.13
C LEU A 135 -9.01 7.40 0.51
N TYR A 136 -8.67 6.12 0.65
CA TYR A 136 -9.60 5.14 1.22
C TYR A 136 -9.95 5.49 2.65
N ASP A 137 -8.96 5.92 3.42
CA ASP A 137 -9.22 6.33 4.79
C ASP A 137 -10.23 7.48 4.85
N MET A 138 -10.12 8.41 3.91
CA MET A 138 -10.95 9.60 3.88
C MET A 138 -12.41 9.27 3.56
N ILE A 139 -12.62 8.18 2.81
CA ILE A 139 -13.93 7.83 2.28
C ILE A 139 -14.55 6.54 2.83
N LYS A 140 -13.81 5.80 3.65
CA LYS A 140 -14.27 4.48 4.12
C LYS A 140 -15.64 4.46 4.83
N ALA A 141 -16.00 5.58 5.47
CA ALA A 141 -17.30 5.66 6.14
C ALA A 141 -18.45 5.84 5.14
N VAL A 142 -18.11 6.32 3.94
CA VAL A 142 -19.09 6.51 2.88
C VAL A 142 -19.13 5.30 1.95
N ASP A 143 -17.96 4.72 1.64
CA ASP A 143 -17.87 3.59 0.72
C ASP A 143 -16.84 2.56 1.20
N PRO A 144 -17.23 1.71 2.15
CA PRO A 144 -16.28 0.76 2.75
C PRO A 144 -15.82 -0.33 1.77
N GLY A 145 -16.60 -0.59 0.73
CA GLY A 145 -16.20 -1.56 -0.29
C GLY A 145 -15.24 -1.04 -1.36
N ALA A 146 -14.89 0.25 -1.30
CA ALA A 146 -13.94 0.84 -2.24
C ALA A 146 -12.67 -0.02 -2.40
N LEU A 147 -12.17 -0.13 -3.64
CA LEU A 147 -11.05 -1.02 -4.02
C LEU A 147 -9.83 -0.21 -4.44
N ILE A 148 -8.64 -0.76 -4.16
CA ILE A 148 -7.37 -0.22 -4.66
C ILE A 148 -6.80 -1.21 -5.66
N ASP A 149 -6.65 -0.77 -6.90
CA ASP A 149 -6.43 -1.67 -8.01
C ASP A 149 -5.28 -1.23 -8.90
N ASP A 150 -4.67 -2.21 -9.55
CA ASP A 150 -3.79 -1.95 -10.70
C ASP A 150 -2.59 -1.05 -10.34
N ILE A 151 -1.95 -1.32 -9.21
CA ILE A 151 -0.72 -0.65 -8.83
C ILE A 151 0.45 -1.25 -9.63
N ARG A 152 1.12 -0.41 -10.41
CA ARG A 152 2.12 -0.89 -11.38
C ARG A 152 3.17 0.18 -11.72
N VAL A 153 4.34 -0.27 -12.18
CA VAL A 153 5.37 0.63 -12.72
C VAL A 153 5.04 0.98 -14.18
N LEU A 154 5.10 2.26 -14.51
CA LEU A 154 4.83 2.74 -15.87
C LEU A 154 6.12 3.05 -16.62
N HIS A 155 7.14 3.51 -15.89
CA HIS A 155 8.40 3.93 -16.49
C HIS A 155 9.51 3.83 -15.48
N LYS A 156 10.67 3.36 -15.94
CA LYS A 156 11.85 3.23 -15.10
C LYS A 156 13.09 3.56 -15.91
N GLU A 157 14.01 4.30 -15.29
CA GLU A 157 15.24 4.73 -15.94
C GLU A 157 16.47 4.35 -15.11
N THR A 165 18.59 -1.97 -18.39
CA THR A 165 18.63 -1.00 -17.30
C THR A 165 18.08 0.37 -17.72
N ARG A 166 16.75 0.44 -17.88
CA ARG A 166 16.08 1.69 -18.22
C ARG A 166 15.02 1.59 -19.31
N ARG A 167 13.84 1.08 -18.96
CA ARG A 167 12.68 1.01 -19.85
C ARG A 167 11.39 0.78 -19.07
N ALA B 23 -6.46 21.07 4.56
CA ALA B 23 -7.93 21.21 4.76
C ALA B 23 -8.50 19.87 5.21
N ALA B 24 -8.30 19.53 6.49
CA ALA B 24 -8.59 18.20 7.01
C ALA B 24 -8.92 18.18 8.51
N HIS B 25 -9.85 17.32 8.89
CA HIS B 25 -10.24 17.18 10.29
C HIS B 25 -10.22 15.72 10.70
N MET B 26 -9.34 15.37 11.64
CA MET B 26 -9.38 14.04 12.25
C MET B 26 -10.70 13.91 13.01
N VAL B 27 -11.37 12.75 12.83
CA VAL B 27 -12.62 12.47 13.55
C VAL B 27 -12.34 12.19 15.02
N ASP B 28 -13.10 12.83 15.89
CA ASP B 28 -12.96 12.65 17.34
C ASP B 28 -13.62 11.34 17.82
N ILE B 29 -12.78 10.43 18.30
CA ILE B 29 -13.23 9.13 18.82
C ILE B 29 -13.38 9.16 20.36
N THR B 30 -13.31 10.36 20.93
CA THR B 30 -13.33 10.56 22.38
C THR B 30 -14.62 10.06 23.05
N GLU B 31 -15.76 10.27 22.39
CA GLU B 31 -17.05 9.77 22.89
C GLU B 31 -17.43 8.47 22.18
N LYS B 32 -16.53 7.48 22.32
CA LYS B 32 -16.74 6.13 21.80
C LYS B 32 -16.09 5.12 22.76
N ALA B 33 -16.80 4.01 23.01
CA ALA B 33 -16.31 2.97 23.91
C ALA B 33 -15.32 2.00 23.23
N THR B 34 -14.43 1.40 24.03
CA THR B 34 -13.48 0.41 23.53
C THR B 34 -14.14 -0.96 23.45
N THR B 35 -14.10 -1.56 22.26
CA THR B 35 -14.57 -2.94 22.08
C THR B 35 -13.47 -3.78 21.47
N LYS B 36 -13.61 -5.10 21.57
CA LYS B 36 -12.72 -6.04 20.93
C LYS B 36 -13.06 -6.16 19.45
N ARG B 37 -12.12 -5.78 18.58
CA ARG B 37 -12.36 -5.72 17.13
C ARG B 37 -11.41 -6.58 16.29
N THR B 38 -11.92 -7.05 15.16
CA THR B 38 -11.10 -7.72 14.17
C THR B 38 -11.43 -7.28 12.75
N ALA B 39 -10.38 -7.08 11.95
CA ALA B 39 -10.56 -6.75 10.54
C ALA B 39 -9.68 -7.64 9.68
N VAL B 40 -10.21 -7.98 8.51
CA VAL B 40 -9.50 -8.79 7.53
C VAL B 40 -9.51 -8.07 6.18
N ALA B 41 -8.33 -7.96 5.59
CA ALA B 41 -8.17 -7.37 4.27
C ALA B 41 -7.41 -8.34 3.38
N ALA B 42 -7.58 -8.21 2.06
CA ALA B 42 -6.82 -9.02 1.10
C ALA B 42 -6.29 -8.19 -0.06
N GLY B 43 -5.44 -8.83 -0.87
CA GLY B 43 -4.81 -8.20 -2.03
C GLY B 43 -4.10 -9.29 -2.81
N ILE B 44 -3.67 -8.95 -4.02
CA ILE B 44 -3.11 -9.96 -4.91
C ILE B 44 -1.94 -9.42 -5.74
N LEU B 45 -0.84 -10.16 -5.76
CA LEU B 45 0.26 -9.84 -6.66
C LEU B 45 0.14 -10.69 -7.93
N ARG B 46 -0.03 -10.04 -9.08
CA ARG B 46 -0.13 -10.77 -10.35
C ARG B 46 1.26 -10.93 -10.98
N THR B 47 1.80 -12.15 -10.93
CA THR B 47 3.17 -12.36 -11.41
C THR B 47 3.29 -13.50 -12.46
N SER B 48 4.46 -14.14 -12.54
CA SER B 48 4.70 -15.15 -13.58
C SER B 48 4.89 -16.53 -12.98
N ALA B 49 4.71 -17.56 -13.82
CA ALA B 49 4.89 -18.95 -13.40
C ALA B 49 6.32 -19.18 -12.95
N GLN B 50 7.25 -18.52 -13.64
CA GLN B 50 8.64 -18.53 -13.25
C GLN B 50 8.84 -18.01 -11.82
N VAL B 51 8.17 -16.90 -11.49
CA VAL B 51 8.29 -16.32 -10.14
C VAL B 51 7.73 -17.28 -9.10
N VAL B 52 6.57 -17.85 -9.37
CA VAL B 52 5.97 -18.88 -8.52
C VAL B 52 6.95 -20.03 -8.36
N ALA B 53 7.59 -20.42 -9.46
CA ALA B 53 8.58 -21.50 -9.45
C ALA B 53 9.73 -21.17 -8.51
N LEU B 54 10.36 -20.02 -8.72
CA LEU B 54 11.51 -19.61 -7.89
C LEU B 54 11.15 -19.48 -6.40
N ILE B 55 9.89 -19.20 -6.11
CA ILE B 55 9.41 -19.13 -4.73
C ILE B 55 9.33 -20.51 -4.09
N SER B 56 8.71 -21.47 -4.78
CA SER B 56 8.59 -22.84 -4.27
C SER B 56 9.94 -23.55 -4.13
N THR B 57 10.89 -23.20 -5.02
CA THR B 57 12.23 -23.79 -4.98
C THR B 57 13.17 -23.04 -4.01
N GLY B 58 12.75 -21.85 -3.58
CA GLY B 58 13.59 -20.98 -2.75
C GLY B 58 14.72 -20.35 -3.55
N GLY B 59 14.50 -20.16 -4.86
CA GLY B 59 15.55 -19.73 -5.75
C GLY B 59 15.59 -18.25 -6.15
N LEU B 60 14.81 -17.41 -5.48
CA LEU B 60 14.83 -15.97 -5.75
C LEU B 60 16.18 -15.37 -5.38
N PRO B 61 16.71 -14.47 -6.24
CA PRO B 61 18.00 -13.87 -5.94
C PRO B 61 18.05 -13.18 -4.57
N LYS B 62 16.98 -12.49 -4.21
CA LYS B 62 17.00 -11.64 -3.03
C LYS B 62 16.70 -12.41 -1.73
N GLY B 63 16.17 -13.62 -1.86
CA GLY B 63 15.94 -14.49 -0.71
C GLY B 63 14.50 -14.90 -0.54
N ASP B 64 14.11 -15.21 0.69
CA ASP B 64 12.76 -15.68 1.02
C ASP B 64 11.75 -14.53 0.96
N ALA B 65 11.10 -14.38 -0.19
CA ALA B 65 10.08 -13.35 -0.39
C ALA B 65 8.95 -13.40 0.64
N LEU B 66 8.42 -14.59 0.91
CA LEU B 66 7.24 -14.73 1.76
C LEU B 66 7.52 -14.29 3.22
N ALA B 67 8.59 -14.82 3.79
CA ALA B 67 8.99 -14.46 5.15
C ALA B 67 9.28 -12.98 5.25
N THR B 68 9.99 -12.43 4.26
CA THR B 68 10.36 -11.02 4.29
C THR B 68 9.10 -10.14 4.24
N ALA B 69 8.16 -10.50 3.38
CA ALA B 69 6.95 -9.71 3.19
C ALA B 69 5.99 -9.82 4.37
N ARG B 70 5.93 -11.00 4.97
CA ARG B 70 5.14 -11.18 6.19
C ARG B 70 5.61 -10.22 7.27
N VAL B 71 6.92 -10.18 7.49
CA VAL B 71 7.52 -9.31 8.52
C VAL B 71 7.29 -7.84 8.19
N ALA B 72 7.43 -7.48 6.92
CA ALA B 72 7.18 -6.09 6.48
C ALA B 72 5.71 -5.67 6.69
N GLY B 73 4.80 -6.60 6.38
CA GLY B 73 3.35 -6.37 6.56
C GLY B 73 2.96 -6.20 8.03
N ILE B 74 3.60 -6.99 8.90
CA ILE B 74 3.33 -6.91 10.33
C ILE B 74 3.80 -5.57 10.90
N MET B 75 5.02 -5.20 10.58
CA MET B 75 5.59 -3.94 11.05
C MET B 75 4.80 -2.74 10.52
N ALA B 76 4.38 -2.80 9.27
CA ALA B 76 3.63 -1.70 8.67
C ALA B 76 2.27 -1.55 9.33
N ALA B 77 1.62 -2.67 9.64
CA ALA B 77 0.35 -2.60 10.38
C ALA B 77 0.46 -1.66 11.60
N LYS B 78 1.55 -1.80 12.35
CA LYS B 78 1.83 -0.99 13.54
C LYS B 78 2.13 0.46 13.19
N ARG B 79 2.68 0.69 11.98
CA ARG B 79 3.08 2.04 11.55
C ARG B 79 1.95 2.79 10.83
N THR B 80 0.76 2.19 10.78
CA THR B 80 -0.38 2.78 10.09
C THR B 80 -0.59 4.27 10.38
N SER B 81 -0.69 4.63 11.67
CA SER B 81 -1.00 6.02 12.02
C SER B 81 0.13 7.00 11.70
N ASP B 82 1.35 6.49 11.47
CA ASP B 82 2.48 7.27 10.99
C ASP B 82 2.37 7.59 9.50
N LEU B 83 1.75 6.70 8.74
CA LEU B 83 1.67 6.84 7.29
C LEU B 83 0.41 7.54 6.83
N ILE B 84 -0.70 7.25 7.49
CA ILE B 84 -2.01 7.76 7.08
C ILE B 84 -2.42 8.88 8.04
N PRO B 85 -2.38 10.12 7.54
CA PRO B 85 -2.48 11.34 8.36
C PRO B 85 -3.66 11.36 9.33
N LEU B 86 -4.85 10.95 8.89
CA LEU B 86 -6.02 11.03 9.76
C LEU B 86 -6.35 9.75 10.51
N CYS B 87 -5.45 8.76 10.43
CA CYS B 87 -5.59 7.55 11.23
C CYS B 87 -5.19 7.76 12.69
N HIS B 88 -6.02 7.26 13.60
CA HIS B 88 -5.75 7.30 15.02
C HIS B 88 -4.71 6.28 15.35
N GLN B 89 -4.00 6.51 16.45
CA GLN B 89 -3.06 5.54 17.03
C GLN B 89 -3.84 4.47 17.79
N LEU B 90 -3.78 3.23 17.32
CA LEU B 90 -4.56 2.13 17.89
C LEU B 90 -3.69 1.03 18.47
N ALA B 91 -4.12 0.47 19.59
CA ALA B 91 -3.38 -0.60 20.26
C ALA B 91 -3.74 -1.92 19.61
N LEU B 92 -2.80 -2.49 18.86
CA LEU B 92 -3.06 -3.74 18.16
C LEU B 92 -2.69 -4.89 19.07
N THR B 93 -3.63 -5.83 19.23
CA THR B 93 -3.41 -7.01 20.06
C THR B 93 -2.95 -8.24 19.27
N GLY B 94 -3.02 -8.16 17.95
CA GLY B 94 -2.55 -9.26 17.09
C GLY B 94 -2.62 -8.95 15.62
N VAL B 95 -1.64 -9.48 14.87
CA VAL B 95 -1.51 -9.26 13.42
C VAL B 95 -1.00 -10.52 12.74
N ASP B 96 -1.79 -11.04 11.80
CA ASP B 96 -1.35 -12.16 10.95
C ASP B 96 -1.34 -11.75 9.49
N VAL B 97 -0.33 -12.24 8.78
CA VAL B 97 -0.26 -12.11 7.33
C VAL B 97 -0.11 -13.51 6.74
N ASP B 98 -1.07 -13.89 5.90
CA ASP B 98 -1.04 -15.20 5.24
C ASP B 98 -0.93 -15.05 3.71
N PHE B 99 -0.31 -16.05 3.09
CA PHE B 99 -0.17 -16.14 1.65
C PHE B 99 -0.80 -17.41 1.11
N THR B 100 -1.49 -17.30 -0.03
CA THR B 100 -1.89 -18.45 -0.82
C THR B 100 -1.23 -18.27 -2.19
N VAL B 101 -0.28 -19.15 -2.51
CA VAL B 101 0.40 -19.10 -3.80
C VAL B 101 -0.32 -19.95 -4.85
N GLY B 102 -0.76 -19.30 -5.91
CA GLY B 102 -1.45 -20.01 -6.99
C GLY B 102 -0.52 -20.28 -8.14
N GLN B 103 -1.11 -20.41 -9.33
CA GLN B 103 -0.36 -20.69 -10.55
C GLN B 103 0.50 -19.51 -10.97
N LEU B 104 -0.10 -18.32 -10.93
CA LEU B 104 0.53 -17.11 -11.47
C LEU B 104 0.46 -15.97 -10.46
N ASP B 105 -0.39 -16.14 -9.46
CA ASP B 105 -0.75 -15.11 -8.50
C ASP B 105 -0.35 -15.48 -7.06
N ILE B 106 -0.17 -14.46 -6.23
CA ILE B 106 0.05 -14.63 -4.80
C ILE B 106 -1.00 -13.80 -4.03
N GLU B 107 -1.95 -14.48 -3.40
CA GLU B 107 -2.93 -13.81 -2.58
C GLU B 107 -2.39 -13.51 -1.19
N ILE B 108 -2.70 -12.32 -0.68
CA ILE B 108 -2.22 -11.88 0.61
C ILE B 108 -3.45 -11.62 1.49
N THR B 109 -3.43 -12.13 2.72
CA THR B 109 -4.51 -11.85 3.64
C THR B 109 -3.94 -11.35 4.97
N ALA B 110 -4.41 -10.20 5.43
CA ALA B 110 -4.02 -9.70 6.75
C ALA B 110 -5.19 -9.69 7.72
N THR B 111 -4.95 -10.24 8.91
CA THR B 111 -5.94 -10.28 9.98
C THR B 111 -5.39 -9.48 11.15
N VAL B 112 -6.16 -8.47 11.57
CA VAL B 112 -5.73 -7.56 12.63
C VAL B 112 -6.75 -7.60 13.75
N ARG B 113 -6.26 -7.68 14.98
CA ARG B 113 -7.12 -7.64 16.16
C ARG B 113 -6.71 -6.50 17.09
N SER B 114 -7.71 -5.89 17.72
CA SER B 114 -7.51 -4.77 18.63
C SER B 114 -8.67 -4.56 19.59
N THR B 115 -8.32 -4.13 20.81
CA THR B 115 -9.32 -3.68 21.78
C THR B 115 -9.22 -2.17 21.84
N ASP B 116 -10.09 -1.48 21.08
CA ASP B 116 -10.04 -0.02 21.00
C ASP B 116 -11.35 0.65 20.55
N ARG B 117 -11.26 1.95 20.27
CA ARG B 117 -12.41 2.84 20.09
C ARG B 117 -12.90 2.98 18.64
N THR B 118 -12.13 2.44 17.69
CA THR B 118 -12.51 2.48 16.27
C THR B 118 -12.01 1.23 15.55
N GLY B 119 -12.56 0.97 14.36
CA GLY B 119 -12.22 -0.22 13.57
C GLY B 119 -10.76 -0.25 13.14
N VAL B 120 -10.26 -1.45 12.83
CA VAL B 120 -8.85 -1.67 12.48
C VAL B 120 -8.62 -2.09 11.03
N GLU B 121 -9.55 -1.70 10.15
CA GLU B 121 -9.45 -2.04 8.73
C GLU B 121 -8.29 -1.33 8.02
N MET B 122 -7.90 -0.16 8.51
CA MET B 122 -6.79 0.57 7.90
C MET B 122 -5.45 -0.15 8.05
N GLU B 123 -5.21 -0.67 9.25
CA GLU B 123 -3.99 -1.41 9.52
C GLU B 123 -3.95 -2.71 8.74
N ALA B 124 -5.09 -3.39 8.64
CA ALA B 124 -5.20 -4.59 7.80
C ALA B 124 -4.84 -4.28 6.34
N LEU B 125 -5.40 -3.20 5.79
CA LEU B 125 -5.11 -2.77 4.41
C LEU B 125 -3.66 -2.35 4.21
N THR B 126 -3.09 -1.67 5.20
CA THR B 126 -1.71 -1.21 5.19
C THR B 126 -0.71 -2.40 5.15
N ALA B 127 -0.99 -3.39 6.01
CA ALA B 127 -0.22 -4.64 6.06
C ALA B 127 -0.24 -5.37 4.72
N VAL B 128 -1.44 -5.55 4.16
CA VAL B 128 -1.59 -6.18 2.86
C VAL B 128 -0.79 -5.37 1.84
N SER B 129 -0.93 -4.07 1.94
CA SER B 129 -0.31 -3.17 1.01
C SER B 129 1.21 -3.23 1.07
N VAL B 130 1.77 -3.15 2.27
CA VAL B 130 3.24 -3.16 2.40
C VAL B 130 3.82 -4.56 2.11
N ALA B 131 3.08 -5.60 2.45
CA ALA B 131 3.47 -6.98 2.12
C ALA B 131 3.55 -7.20 0.61
N ALA B 132 2.61 -6.61 -0.13
CA ALA B 132 2.59 -6.68 -1.60
C ALA B 132 3.76 -5.91 -2.19
N LEU B 133 3.98 -4.70 -1.71
CA LEU B 133 5.15 -3.92 -2.13
C LEU B 133 6.45 -4.67 -1.88
N THR B 134 6.52 -5.36 -0.74
CA THR B 134 7.71 -6.11 -0.38
C THR B 134 7.87 -7.35 -1.25
N LEU B 135 6.76 -8.02 -1.54
CA LEU B 135 6.81 -9.11 -2.51
C LEU B 135 7.38 -8.61 -3.83
N TYR B 136 6.83 -7.51 -4.33
CA TYR B 136 7.29 -6.94 -5.57
C TYR B 136 8.78 -6.60 -5.53
N ASP B 137 9.24 -6.05 -4.40
CA ASP B 137 10.67 -5.77 -4.28
C ASP B 137 11.51 -7.05 -4.42
N MET B 138 10.98 -8.17 -3.95
CA MET B 138 11.71 -9.43 -3.97
C MET B 138 11.72 -10.07 -5.36
N ILE B 139 10.72 -9.73 -6.18
CA ILE B 139 10.54 -10.42 -7.46
C ILE B 139 10.76 -9.55 -8.70
N LYS B 140 10.91 -8.24 -8.51
CA LYS B 140 10.94 -7.30 -9.65
C LYS B 140 12.09 -7.53 -10.65
N ALA B 141 13.13 -8.23 -10.23
CA ALA B 141 14.26 -8.54 -11.10
C ALA B 141 13.98 -9.70 -12.07
N VAL B 142 13.07 -10.59 -11.67
CA VAL B 142 12.59 -11.69 -12.51
C VAL B 142 11.36 -11.28 -13.31
N ASP B 143 10.45 -10.53 -12.69
CA ASP B 143 9.23 -10.06 -13.34
C ASP B 143 8.91 -8.61 -12.94
N PRO B 144 9.54 -7.62 -13.60
CA PRO B 144 9.26 -6.21 -13.31
C PRO B 144 7.86 -5.76 -13.76
N GLY B 145 7.22 -6.56 -14.62
CA GLY B 145 5.86 -6.27 -15.09
C GLY B 145 4.75 -6.69 -14.13
N ALA B 146 5.12 -7.31 -13.01
CA ALA B 146 4.14 -7.72 -11.99
C ALA B 146 3.34 -6.51 -11.51
N LEU B 147 2.10 -6.75 -11.11
CA LEU B 147 1.28 -5.67 -10.58
C LEU B 147 0.51 -6.08 -9.35
N ILE B 148 0.08 -5.07 -8.60
CA ILE B 148 -0.59 -5.24 -7.33
C ILE B 148 -2.06 -4.89 -7.51
N ASP B 149 -2.93 -5.83 -7.16
CA ASP B 149 -4.32 -5.77 -7.54
C ASP B 149 -5.25 -6.07 -6.36
N ASP B 150 -6.48 -5.53 -6.45
CA ASP B 150 -7.63 -5.98 -5.66
C ASP B 150 -7.38 -5.91 -4.12
N ILE B 151 -6.76 -4.81 -3.69
CA ILE B 151 -6.61 -4.56 -2.27
C ILE B 151 -7.94 -4.07 -1.70
N ARG B 152 -8.49 -4.80 -0.73
CA ARG B 152 -9.84 -4.54 -0.28
C ARG B 152 -10.11 -5.10 1.11
N VAL B 153 -11.11 -4.55 1.77
CA VAL B 153 -11.57 -5.07 3.07
C VAL B 153 -12.48 -6.28 2.85
N LEU B 154 -12.19 -7.35 3.55
CA LEU B 154 -12.97 -8.59 3.46
C LEU B 154 -14.01 -8.71 4.56
N HIS B 155 -13.71 -8.16 5.73
CA HIS B 155 -14.45 -8.47 6.94
C HIS B 155 -14.07 -7.53 8.06
N LYS B 156 -15.08 -7.08 8.81
CA LYS B 156 -14.90 -6.27 10.02
C LYS B 156 -15.88 -6.76 11.07
N GLU B 157 -15.39 -6.91 12.30
CA GLU B 157 -16.18 -7.49 13.38
C GLU B 157 -15.82 -6.84 14.73
N THR B 163 -21.84 -6.81 12.18
CA THR B 163 -20.85 -7.59 11.46
C THR B 163 -20.84 -7.26 9.96
N TRP B 164 -19.66 -6.98 9.45
CA TRP B 164 -19.45 -6.56 8.06
C TRP B 164 -18.65 -7.59 7.32
N THR B 165 -19.14 -7.98 6.15
CA THR B 165 -18.46 -9.00 5.35
C THR B 165 -18.74 -8.75 3.87
N ARG B 166 -17.69 -8.77 3.06
CA ARG B 166 -17.81 -8.47 1.64
C ARG B 166 -18.62 -9.56 0.90
#